data_8RBC
#
_entry.id   8RBC
#
_cell.length_a   65.909
_cell.length_b   71.088
_cell.length_c   107.057
_cell.angle_alpha   90.000
_cell.angle_beta   90.000
_cell.angle_gamma   90.000
#
_symmetry.space_group_name_H-M   'P 21 21 21'
#
loop_
_entity.id
_entity.type
_entity.pdbx_description
1 polymer 'Cellular tumor antigen p53'
2 non-polymer 3-azanylpyrazine-2,6-dicarbonitrile
3 non-polymer '4-(2-HYDROXYETHYL)-1-PIPERAZINE ETHANESULFONIC ACID'
4 non-polymer DI(HYDROXYETHYL)ETHER
5 non-polymer 'ZINC ION'
6 water water
#
_entity_poly.entity_id   1
_entity_poly.type   'polypeptide(L)'
_entity_poly.pdbx_seq_one_letter_code
;SSSVPSQKTYQGSYGFRLGFLHSGTAKSVTCTYSPALNKLFCQLAKTCPVQLWVDSTPPPGTRVRAMAIYKQSQHMTEVV
RRCPHHERCSDSDGLAPPQHLIRVEGNLRAEYLDDRNTFRHSVVVPCEPPEVGSDCTTIHYNYMCYSSCMGGMNRRPILT
IITLEDSSGNLLGRDSFEVRVCACPGRDRRTEEENLRKKGEPHHELPPGSTKRALPNNT
;
_entity_poly.pdbx_strand_id   A,B
#
# COMPACT_ATOMS: atom_id res chain seq x y z
N SER A 2 13.60 12.95 28.41
CA SER A 2 13.95 12.20 27.20
C SER A 2 14.90 12.99 26.29
N SER A 3 16.06 12.39 26.02
CA SER A 3 17.15 13.06 25.30
C SER A 3 16.66 13.60 23.96
N VAL A 4 17.02 14.85 23.68
CA VAL A 4 16.51 15.56 22.54
C VAL A 4 17.39 15.23 21.34
N PRO A 5 16.84 14.65 20.28
CA PRO A 5 17.66 14.36 19.11
C PRO A 5 18.03 15.66 18.41
N SER A 6 19.22 15.66 17.82
CA SER A 6 19.66 16.80 17.05
C SER A 6 18.79 16.94 15.81
N GLN A 7 18.39 18.17 15.51
CA GLN A 7 17.71 18.48 14.26
C GLN A 7 18.59 19.25 13.29
N LYS A 8 19.90 19.31 13.54
CA LYS A 8 20.79 20.13 12.72
C LYS A 8 21.07 19.42 11.41
N THR A 9 20.87 20.15 10.30
CA THR A 9 21.14 19.61 8.98
C THR A 9 22.61 19.29 8.84
N TYR A 10 22.91 18.18 8.19
CA TYR A 10 24.30 17.73 8.13
C TYR A 10 24.42 16.84 6.90
N GLN A 11 25.07 17.35 5.85
CA GLN A 11 25.14 16.60 4.62
C GLN A 11 26.13 15.44 4.74
N GLY A 12 27.16 15.61 5.56
CA GLY A 12 28.12 14.57 5.80
C GLY A 12 28.94 14.22 4.57
N SER A 13 29.70 13.13 4.70
CA SER A 13 30.64 12.73 3.68
C SER A 13 29.97 12.40 2.35
N TYR A 14 28.71 11.99 2.38
CA TYR A 14 28.09 11.53 1.14
C TYR A 14 27.19 12.57 0.52
N GLY A 15 27.18 13.79 1.05
CA GLY A 15 26.34 14.85 0.48
C GLY A 15 24.86 14.54 0.57
N PHE A 16 24.40 14.04 1.71
CA PHE A 16 23.02 13.57 1.86
C PHE A 16 22.06 14.75 1.98
N ARG A 17 20.96 14.71 1.23
CA ARG A 17 19.93 15.75 1.32
C ARG A 17 18.59 15.16 0.87
N LEU A 18 17.50 15.73 1.40
CA LEU A 18 16.16 15.34 0.98
C LEU A 18 15.67 16.21 -0.19
N GLY A 19 14.73 15.66 -0.94
CA GLY A 19 14.05 16.41 -1.96
C GLY A 19 12.62 15.92 -2.11
N PHE A 20 11.78 16.79 -2.65
CA PHE A 20 10.39 16.45 -2.92
C PHE A 20 10.07 16.86 -4.35
N LEU A 21 9.27 16.07 -5.04
CA LEU A 21 8.81 16.46 -6.36
C LEU A 21 7.62 17.43 -6.26
N HIS A 22 7.40 18.21 -7.33
CA HIS A 22 6.32 19.20 -7.36
C HIS A 22 4.97 18.49 -7.40
N SER A 23 4.02 18.91 -6.54
CA SER A 23 2.75 18.20 -6.41
C SER A 23 1.50 19.06 -6.59
N GLY A 24 1.54 20.33 -6.20
CA GLY A 24 0.43 21.24 -6.39
C GLY A 24 -0.45 21.39 -5.15
N THR A 25 -1.41 22.30 -5.26
CA THR A 25 -2.32 22.63 -4.16
C THR A 25 -3.79 22.34 -4.52
N ALA A 26 -4.04 21.34 -5.36
CA ALA A 26 -5.40 21.04 -5.82
C ALA A 26 -6.24 20.49 -4.67
N LYS A 27 -7.54 20.33 -4.92
CA LYS A 27 -8.42 19.75 -3.91
C LYS A 27 -8.12 18.27 -3.70
N SER A 28 -7.89 17.54 -4.79
CA SER A 28 -7.68 16.10 -4.76
C SER A 28 -6.34 15.67 -4.18
N VAL A 29 -5.40 16.61 -3.95
CA VAL A 29 -4.04 16.21 -3.56
C VAL A 29 -4.07 15.51 -2.20
N THR A 30 -3.35 14.39 -2.11
CA THR A 30 -3.24 13.71 -0.81
C THR A 30 -1.99 14.10 -0.06
N CYS A 31 -1.05 14.77 -0.71
CA CYS A 31 0.29 14.98 -0.16
C CYS A 31 0.94 16.09 -0.95
N THR A 32 1.34 17.18 -0.29
CA THR A 32 1.97 18.28 -1.00
C THR A 32 3.02 18.95 -0.10
N TYR A 33 4.15 19.29 -0.70
CA TYR A 33 5.29 19.88 -0.01
C TYR A 33 5.44 21.36 -0.36
N SER A 34 5.63 22.20 0.66
CA SER A 34 5.81 23.63 0.49
C SER A 34 7.26 24.00 0.73
N PRO A 35 8.03 24.32 -0.33
CA PRO A 35 9.41 24.79 -0.13
C PRO A 35 9.54 26.01 0.76
N ALA A 36 8.63 26.98 0.60
CA ALA A 36 8.75 28.23 1.34
C ALA A 36 8.58 28.00 2.84
N LEU A 37 7.77 27.02 3.21
CA LEU A 37 7.64 26.66 4.62
C LEU A 37 8.55 25.52 5.05
N ASN A 38 9.16 24.77 4.10
CA ASN A 38 9.81 23.48 4.39
C ASN A 38 8.86 22.58 5.17
N LYS A 39 7.62 22.52 4.70
CA LYS A 39 6.56 21.80 5.40
C LYS A 39 5.86 20.85 4.44
N LEU A 40 5.66 19.62 4.88
CA LEU A 40 4.91 18.65 4.12
C LEU A 40 3.48 18.60 4.62
N PHE A 41 2.52 18.65 3.72
CA PHE A 41 1.11 18.60 4.06
C PHE A 41 0.53 17.31 3.51
N CYS A 42 -0.13 16.52 4.37
CA CYS A 42 -0.54 15.21 3.90
C CYS A 42 -1.79 14.75 4.63
N GLN A 43 -2.43 13.77 4.02
CA GLN A 43 -3.61 13.14 4.56
C GLN A 43 -3.19 11.94 5.40
N LEU A 44 -4.11 11.50 6.25
CA LEU A 44 -3.82 10.39 7.14
C LEU A 44 -3.70 9.10 6.36
N ALA A 45 -2.64 8.35 6.63
CA ALA A 45 -2.39 7.01 6.06
C ALA A 45 -2.26 7.03 4.55
N LYS A 46 -1.81 8.15 3.98
CA LYS A 46 -1.61 8.27 2.54
C LYS A 46 -0.13 8.37 2.21
N THR A 47 0.24 7.84 1.03
CA THR A 47 1.63 7.76 0.60
C THR A 47 2.28 9.15 0.55
N CYS A 48 3.47 9.26 1.13
CA CYS A 48 4.26 10.50 1.10
C CYS A 48 5.62 10.16 0.52
N PRO A 49 5.87 10.45 -0.76
CA PRO A 49 7.17 10.13 -1.37
C PRO A 49 8.21 11.17 -0.97
N VAL A 50 9.28 10.71 -0.33
CA VAL A 50 10.44 11.54 -0.02
C VAL A 50 11.60 11.03 -0.83
N GLN A 51 12.24 11.93 -1.57
N GLN A 51 12.24 11.93 -1.59
CA GLN A 51 13.39 11.59 -2.40
CA GLN A 51 13.39 11.59 -2.41
C GLN A 51 14.67 11.78 -1.60
C GLN A 51 14.67 11.78 -1.62
N LEU A 52 15.57 10.81 -1.71
CA LEU A 52 16.88 10.86 -1.07
C LEU A 52 17.94 11.16 -2.14
N TRP A 53 18.84 12.09 -1.85
CA TRP A 53 19.97 12.35 -2.73
C TRP A 53 21.28 12.21 -1.97
N VAL A 54 22.26 11.54 -2.60
CA VAL A 54 23.65 11.54 -2.16
C VAL A 54 24.56 11.88 -3.35
N ASP A 55 25.65 12.60 -3.05
CA ASP A 55 26.68 12.84 -4.07
C ASP A 55 27.46 11.57 -4.42
N SER A 56 27.60 10.63 -3.47
CA SER A 56 28.39 9.44 -3.72
C SER A 56 27.79 8.27 -2.96
N THR A 57 27.99 7.07 -3.49
CA THR A 57 27.25 5.90 -2.99
C THR A 57 27.74 5.53 -1.60
N PRO A 58 26.84 5.32 -0.64
CA PRO A 58 27.24 4.92 0.70
C PRO A 58 27.45 3.41 0.78
N PRO A 59 28.21 2.93 1.76
CA PRO A 59 28.59 1.51 1.80
C PRO A 59 27.37 0.62 2.01
N PRO A 60 27.47 -0.65 1.60
CA PRO A 60 26.37 -1.58 1.86
C PRO A 60 26.08 -1.70 3.34
N GLY A 61 24.80 -1.75 3.68
CA GLY A 61 24.34 -1.74 5.05
C GLY A 61 24.09 -0.36 5.62
N THR A 62 24.24 0.70 4.82
CA THR A 62 23.78 2.02 5.24
C THR A 62 22.26 1.98 5.40
N ARG A 63 21.73 2.65 6.43
CA ARG A 63 20.30 2.65 6.66
C ARG A 63 19.75 4.06 6.73
N VAL A 64 18.41 4.18 6.59
CA VAL A 64 17.72 5.48 6.63
C VAL A 64 16.63 5.43 7.70
N ARG A 65 16.76 6.25 8.73
CA ARG A 65 15.84 6.26 9.86
C ARG A 65 14.99 7.53 9.82
N ALA A 66 13.70 7.39 10.11
CA ALA A 66 12.81 8.53 10.24
C ALA A 66 12.30 8.63 11.66
N MET A 67 12.28 9.85 12.20
CA MET A 67 11.78 10.10 13.56
C MET A 67 11.05 11.44 13.60
N ALA A 68 9.91 11.48 14.28
CA ALA A 68 9.25 12.75 14.53
C ALA A 68 9.65 13.32 15.88
N ILE A 69 9.75 14.65 15.95
CA ILE A 69 9.86 15.39 17.20
C ILE A 69 8.94 16.60 17.14
N TYR A 70 8.59 17.11 18.31
CA TYR A 70 7.82 18.35 18.34
C TYR A 70 8.73 19.53 17.98
N LYS A 71 8.16 20.51 17.28
CA LYS A 71 8.97 21.62 16.78
C LYS A 71 9.28 22.62 17.89
N GLN A 72 8.26 23.04 18.65
CA GLN A 72 8.43 24.01 19.73
C GLN A 72 9.29 23.47 20.87
N SER A 73 10.15 24.35 21.40
CA SER A 73 11.13 23.97 22.41
C SER A 73 10.49 23.52 23.72
N GLN A 74 9.29 24.03 24.02
CA GLN A 74 8.58 23.60 25.20
C GLN A 74 8.23 22.11 25.13
N HIS A 75 8.07 21.58 23.91
CA HIS A 75 7.56 20.24 23.72
C HIS A 75 8.58 19.28 23.13
N MET A 76 9.78 19.76 22.82
CA MET A 76 10.74 18.90 22.13
C MET A 76 11.28 17.78 23.01
N THR A 77 10.97 17.79 24.31
CA THR A 77 11.32 16.69 25.19
C THR A 77 10.23 15.63 25.30
N GLU A 78 9.04 15.89 24.76
CA GLU A 78 7.93 14.93 24.79
C GLU A 78 7.95 14.04 23.54
N VAL A 79 7.61 12.76 23.73
CA VAL A 79 7.71 11.78 22.64
C VAL A 79 6.49 11.90 21.74
N VAL A 80 6.73 12.04 20.43
CA VAL A 80 5.64 12.06 19.45
C VAL A 80 5.12 10.63 19.28
N ARG A 81 3.85 10.42 19.63
CA ARG A 81 3.20 9.12 19.51
C ARG A 81 1.81 9.34 18.94
N ARG A 82 1.21 8.27 18.41
CA ARG A 82 -0.20 8.32 18.03
C ARG A 82 -1.09 8.53 19.26
N CYS A 83 -2.25 9.16 19.02
CA CYS A 83 -3.19 9.53 20.07
C CYS A 83 -3.83 8.28 20.66
N PRO A 84 -4.40 8.39 21.87
CA PRO A 84 -5.07 7.23 22.49
C PRO A 84 -6.15 6.60 21.63
N HIS A 85 -6.75 7.35 20.71
CA HIS A 85 -7.78 6.74 19.87
C HIS A 85 -7.18 6.02 18.66
N HIS A 86 -6.18 6.61 18.00
CA HIS A 86 -5.62 5.96 16.81
C HIS A 86 -4.78 4.74 17.16
N GLU A 87 -4.16 4.72 18.34
CA GLU A 87 -3.39 3.53 18.72
C GLU A 87 -4.26 2.30 18.94
N ARG A 88 -5.56 2.47 19.10
CA ARG A 88 -6.49 1.36 19.26
C ARG A 88 -7.15 0.94 17.96
N CYS A 89 -6.83 1.59 16.84
CA CYS A 89 -7.39 1.16 15.57
C CYS A 89 -6.82 -0.19 15.17
N SER A 90 -7.56 -0.90 14.33
CA SER A 90 -7.13 -2.23 13.92
C SER A 90 -6.39 -2.17 12.59
N ASP A 91 -5.27 -1.44 12.58
CA ASP A 91 -4.69 -0.98 11.32
C ASP A 91 -3.22 -1.34 11.13
N SER A 92 -2.65 -2.20 11.97
CA SER A 92 -1.23 -2.54 11.82
C SER A 92 -1.00 -3.47 10.63
N ASP A 93 -0.10 -3.06 9.74
CA ASP A 93 0.30 -3.89 8.60
C ASP A 93 1.07 -5.15 9.02
N GLY A 94 1.22 -5.42 10.31
CA GLY A 94 1.99 -6.55 10.78
C GLY A 94 3.44 -6.23 11.06
N LEU A 95 3.92 -5.07 10.62
CA LEU A 95 5.25 -4.57 10.92
C LEU A 95 5.23 -3.40 11.89
N ALA A 96 4.42 -2.39 11.63
CA ALA A 96 4.44 -1.20 12.47
C ALA A 96 3.71 -1.47 13.78
N PRO A 97 4.34 -1.22 14.92
CA PRO A 97 3.60 -1.27 16.18
C PRO A 97 2.54 -0.20 16.20
N PRO A 98 1.42 -0.45 16.89
CA PRO A 98 0.25 0.43 16.76
C PRO A 98 0.44 1.85 17.26
N GLN A 99 1.43 2.12 18.12
CA GLN A 99 1.65 3.45 18.65
C GLN A 99 2.49 4.36 17.75
N HIS A 100 3.11 3.83 16.69
CA HIS A 100 4.06 4.61 15.92
C HIS A 100 3.35 5.52 14.92
N LEU A 101 3.69 6.80 14.94
CA LEU A 101 3.09 7.76 14.02
C LEU A 101 3.56 7.54 12.59
N ILE A 102 4.85 7.28 12.40
CA ILE A 102 5.46 7.22 11.07
C ILE A 102 5.64 5.76 10.68
N ARG A 103 5.07 5.39 9.55
CA ARG A 103 5.29 4.07 8.97
C ARG A 103 5.99 4.21 7.63
N VAL A 104 6.73 3.16 7.23
CA VAL A 104 7.21 3.04 5.87
C VAL A 104 6.27 2.11 5.13
N GLU A 105 5.87 2.53 3.92
CA GLU A 105 5.00 1.75 3.06
C GLU A 105 5.81 0.98 2.03
N GLY A 106 5.48 -0.30 1.84
CA GLY A 106 6.01 -1.10 0.75
C GLY A 106 7.47 -1.50 0.84
N ASN A 107 7.92 -1.91 2.03
CA ASN A 107 9.32 -2.29 2.23
C ASN A 107 9.31 -3.26 3.40
N LEU A 108 9.48 -4.55 3.11
CA LEU A 108 9.45 -5.60 4.12
C LEU A 108 10.69 -5.61 4.98
N ARG A 109 11.72 -4.86 4.61
CA ARG A 109 12.89 -4.77 5.46
C ARG A 109 12.78 -3.62 6.44
N ALA A 110 11.64 -2.92 6.45
CA ALA A 110 11.43 -1.83 7.40
C ALA A 110 11.44 -2.37 8.83
N GLU A 111 12.19 -1.69 9.71
CA GLU A 111 12.25 -2.06 11.11
C GLU A 111 11.81 -0.88 11.97
N TYR A 112 11.12 -1.19 13.06
CA TYR A 112 10.55 -0.18 13.94
C TYR A 112 11.21 -0.31 15.31
N LEU A 113 11.59 0.83 15.88
CA LEU A 113 12.38 0.87 17.11
C LEU A 113 11.69 1.69 18.17
N ASP A 114 11.58 1.11 19.37
CA ASP A 114 11.19 1.79 20.60
C ASP A 114 12.47 1.92 21.42
N ASP A 115 13.05 3.12 21.44
CA ASP A 115 14.33 3.31 22.13
C ASP A 115 14.21 3.03 23.62
N ARG A 116 15.11 2.18 24.15
CA ARG A 116 14.93 1.71 25.53
C ARG A 116 15.24 2.81 26.53
N ASN A 117 16.08 3.78 26.16
CA ASN A 117 16.44 4.88 27.06
C ASN A 117 15.62 6.14 26.82
N THR A 118 15.34 6.50 25.58
CA THR A 118 14.61 7.73 25.30
C THR A 118 13.11 7.53 25.09
N PHE A 119 12.67 6.29 24.81
CA PHE A 119 11.27 5.93 24.52
C PHE A 119 10.75 6.56 23.23
N ARG A 120 11.63 7.06 22.38
CA ARG A 120 11.21 7.65 21.10
C ARG A 120 11.01 6.56 20.05
N HIS A 121 10.06 6.80 19.16
CA HIS A 121 9.80 5.89 18.05
C HIS A 121 10.59 6.30 16.81
N SER A 122 10.99 5.30 16.04
CA SER A 122 11.58 5.57 14.73
C SER A 122 11.38 4.34 13.86
N VAL A 123 11.46 4.56 12.55
CA VAL A 123 11.35 3.48 11.56
C VAL A 123 12.52 3.62 10.59
N VAL A 124 13.17 2.49 10.29
CA VAL A 124 14.46 2.48 9.62
C VAL A 124 14.45 1.43 8.50
N VAL A 125 15.06 1.77 7.37
CA VAL A 125 15.07 0.89 6.20
C VAL A 125 16.48 0.82 5.64
N PRO A 126 16.81 -0.24 4.90
CA PRO A 126 18.08 -0.25 4.17
C PRO A 126 18.12 0.85 3.12
N CYS A 127 19.23 1.57 3.08
CA CYS A 127 19.45 2.51 1.98
C CYS A 127 19.67 1.70 0.71
N GLU A 128 18.99 2.10 -0.35
CA GLU A 128 19.04 1.34 -1.58
C GLU A 128 19.38 2.30 -2.71
N PRO A 129 19.99 1.80 -3.79
CA PRO A 129 20.28 2.65 -4.95
C PRO A 129 18.99 3.04 -5.66
N PRO A 130 19.03 4.07 -6.51
CA PRO A 130 17.81 4.43 -7.27
C PRO A 130 17.34 3.27 -8.14
N GLU A 131 16.01 3.13 -8.21
CA GLU A 131 15.39 2.16 -9.11
C GLU A 131 15.70 2.51 -10.56
N VAL A 132 15.36 1.59 -11.46
CA VAL A 132 15.77 1.70 -12.86
C VAL A 132 15.24 2.98 -13.48
N GLY A 133 16.13 3.74 -14.11
CA GLY A 133 15.76 4.99 -14.72
C GLY A 133 15.32 6.07 -13.76
N SER A 134 16.03 6.21 -12.64
CA SER A 134 15.83 7.34 -11.75
C SER A 134 17.18 7.77 -11.21
N ASP A 135 17.21 8.97 -10.64
CA ASP A 135 18.42 9.53 -10.06
C ASP A 135 18.25 9.80 -8.58
N CYS A 136 17.13 9.38 -8.01
CA CYS A 136 16.88 9.51 -6.60
C CYS A 136 16.39 8.17 -6.06
N THR A 137 16.81 7.83 -4.86
CA THR A 137 16.13 6.82 -4.07
C THR A 137 14.92 7.46 -3.39
N THR A 138 13.81 6.73 -3.38
CA THR A 138 12.55 7.22 -2.84
C THR A 138 12.09 6.31 -1.70
N ILE A 139 11.67 6.92 -0.61
CA ILE A 139 11.04 6.19 0.49
C ILE A 139 9.61 6.71 0.62
N HIS A 140 8.66 5.80 0.80
CA HIS A 140 7.26 6.16 0.96
C HIS A 140 6.90 6.06 2.43
N TYR A 141 6.53 7.19 3.02
CA TYR A 141 6.12 7.24 4.41
C TYR A 141 4.60 7.39 4.52
N ASN A 142 4.04 6.93 5.64
CA ASN A 142 2.66 7.21 6.03
C ASN A 142 2.65 7.85 7.41
N TYR A 143 1.77 8.82 7.59
CA TYR A 143 1.54 9.41 8.89
C TYR A 143 0.15 8.98 9.37
N MET A 144 0.09 8.46 10.60
CA MET A 144 -1.03 7.64 11.05
C MET A 144 -1.94 8.34 12.07
N CYS A 145 -1.70 9.63 12.34
CA CYS A 145 -2.47 10.46 13.27
C CYS A 145 -2.60 11.84 12.66
N TYR A 146 -3.76 12.49 12.83
CA TYR A 146 -3.89 13.88 12.45
C TYR A 146 -3.15 14.79 13.42
N SER A 147 -2.66 15.91 12.89
CA SER A 147 -1.98 16.92 13.70
C SER A 147 -2.90 17.51 14.76
N SER A 148 -4.20 17.44 14.56
CA SER A 148 -5.14 18.02 15.49
C SER A 148 -5.53 17.07 16.63
N CYS A 149 -5.20 15.79 16.53
CA CYS A 149 -5.66 14.76 17.48
C CYS A 149 -5.30 15.11 18.91
N MET A 150 -6.32 15.29 19.75
CA MET A 150 -6.10 15.60 21.16
C MET A 150 -5.51 14.39 21.87
N GLY A 151 -4.63 14.65 22.83
CA GLY A 151 -3.90 13.58 23.47
C GLY A 151 -2.78 13.02 22.63
N GLY A 152 -2.52 13.62 21.48
CA GLY A 152 -1.36 13.27 20.67
C GLY A 152 -0.62 14.54 20.33
N MET A 153 -0.48 14.79 19.03
CA MET A 153 0.16 16.02 18.58
C MET A 153 -0.60 17.24 19.07
N ASN A 154 -1.94 17.21 18.98
CA ASN A 154 -2.82 18.21 19.61
C ASN A 154 -2.50 19.63 19.11
N ARG A 155 -2.46 19.76 17.79
CA ARG A 155 -2.16 21.01 17.06
C ARG A 155 -0.73 21.48 17.30
N ARG A 156 0.12 20.66 17.89
CA ARG A 156 1.53 21.05 17.98
C ARG A 156 2.26 20.60 16.72
N PRO A 157 2.97 21.50 16.04
CA PRO A 157 3.72 21.10 14.85
C PRO A 157 4.82 20.13 15.19
N ILE A 158 5.13 19.26 14.24
CA ILE A 158 6.21 18.30 14.37
C ILE A 158 7.18 18.44 13.22
N LEU A 159 8.44 18.09 13.47
CA LEU A 159 9.45 17.89 12.44
C LEU A 159 9.65 16.42 12.23
N THR A 160 9.85 16.02 10.99
CA THR A 160 10.36 14.68 10.71
C THR A 160 11.85 14.78 10.45
N ILE A 161 12.65 14.02 11.18
CA ILE A 161 14.09 14.00 11.00
C ILE A 161 14.45 12.69 10.32
N ILE A 162 15.17 12.80 9.20
CA ILE A 162 15.64 11.67 8.42
C ILE A 162 17.14 11.61 8.61
N THR A 163 17.65 10.48 9.10
N THR A 163 17.63 10.46 9.05
CA THR A 163 19.08 10.32 9.31
CA THR A 163 19.05 10.29 9.31
C THR A 163 19.61 9.17 8.47
C THR A 163 19.60 9.15 8.46
N LEU A 164 20.70 9.42 7.76
CA LEU A 164 21.47 8.38 7.09
C LEU A 164 22.47 7.83 8.08
N GLU A 165 22.48 6.50 8.26
CA GLU A 165 23.28 5.85 9.31
C GLU A 165 24.11 4.71 8.76
N ASP A 166 25.25 4.47 9.39
CA ASP A 166 25.97 3.24 9.05
C ASP A 166 25.28 2.04 9.68
N SER A 167 25.84 0.85 9.43
CA SER A 167 25.26 -0.38 9.94
C SER A 167 25.21 -0.44 11.47
N SER A 168 26.06 0.33 12.17
CA SER A 168 26.00 0.41 13.62
C SER A 168 25.07 1.50 14.12
N GLY A 169 24.49 2.29 13.23
CA GLY A 169 23.68 3.40 13.67
C GLY A 169 24.44 4.68 13.95
N ASN A 170 25.71 4.76 13.56
CA ASN A 170 26.41 6.04 13.62
C ASN A 170 25.86 7.00 12.56
N LEU A 171 25.87 8.28 12.89
CA LEU A 171 25.33 9.30 12.01
C LEU A 171 26.21 9.49 10.78
N LEU A 172 25.62 9.43 9.60
CA LEU A 172 26.28 9.77 8.35
C LEU A 172 25.72 11.01 7.71
N GLY A 173 24.56 11.47 8.14
CA GLY A 173 23.93 12.63 7.55
C GLY A 173 22.54 12.83 8.09
N ARG A 174 22.00 14.05 7.98
CA ARG A 174 20.70 14.36 8.55
C ARG A 174 20.05 15.52 7.81
N ASP A 175 18.74 15.43 7.61
CA ASP A 175 17.92 16.48 7.04
C ASP A 175 16.57 16.39 7.74
N SER A 176 15.71 17.37 7.50
CA SER A 176 14.44 17.39 8.20
C SER A 176 13.46 18.29 7.48
N PHE A 177 12.18 18.09 7.79
CA PHE A 177 11.10 18.94 7.29
C PHE A 177 9.98 18.93 8.29
N GLU A 178 9.22 20.03 8.33
CA GLU A 178 8.03 20.11 9.16
C GLU A 178 6.88 19.39 8.49
N VAL A 179 5.93 18.88 9.29
CA VAL A 179 4.84 18.07 8.78
C VAL A 179 3.52 18.53 9.39
N ARG A 180 2.48 18.56 8.57
CA ARG A 180 1.10 18.71 9.02
C ARG A 180 0.26 17.63 8.41
N VAL A 181 -0.32 16.77 9.24
CA VAL A 181 -1.24 15.74 8.80
C VAL A 181 -2.65 16.27 9.00
N CYS A 182 -3.42 16.36 7.91
CA CYS A 182 -4.68 17.10 7.92
C CYS A 182 -5.56 16.55 6.79
N ALA A 183 -6.83 16.96 6.83
CA ALA A 183 -7.81 16.38 5.90
C ALA A 183 -7.72 17.00 4.51
N CYS A 184 -7.44 18.29 4.42
CA CYS A 184 -7.41 19.00 3.13
C CYS A 184 -6.06 19.68 3.03
N PRO A 185 -5.02 18.92 2.63
CA PRO A 185 -3.66 19.49 2.60
C PRO A 185 -3.47 20.61 1.60
N GLY A 186 -4.05 20.48 0.40
CA GLY A 186 -3.91 21.53 -0.59
C GLY A 186 -4.42 22.87 -0.07
N ARG A 187 -5.61 22.85 0.56
CA ARG A 187 -6.17 24.07 1.13
C ARG A 187 -5.30 24.62 2.24
N ASP A 188 -4.82 23.74 3.14
CA ASP A 188 -4.03 24.21 4.27
C ASP A 188 -2.69 24.77 3.82
N ARG A 189 -2.10 24.20 2.77
CA ARG A 189 -0.81 24.72 2.29
C ARG A 189 -0.98 26.13 1.72
N ARG A 190 -2.02 26.33 0.90
CA ARG A 190 -2.26 27.66 0.33
C ARG A 190 -2.52 28.68 1.44
N THR A 191 -3.26 28.26 2.47
CA THR A 191 -3.51 29.10 3.64
C THR A 191 -2.22 29.57 4.30
N GLU A 192 -1.36 28.62 4.70
CA GLU A 192 -0.16 29.00 5.43
C GLU A 192 0.83 29.75 4.56
N GLU A 193 0.84 29.47 3.26
CA GLU A 193 1.75 30.17 2.36
C GLU A 193 1.35 31.64 2.23
N GLU A 194 0.05 31.93 2.09
CA GLU A 194 -0.39 33.31 1.98
C GLU A 194 -0.05 34.09 3.25
N ASN A 195 -0.20 33.45 4.41
CA ASN A 195 0.15 34.11 5.67
C ASN A 195 1.62 34.51 5.71
N LEU A 196 2.51 33.62 5.24
CA LEU A 196 3.93 33.95 5.28
C LEU A 196 4.26 35.11 4.32
N ARG A 197 3.48 35.27 3.25
CA ARG A 197 3.64 36.46 2.40
C ARG A 197 3.19 37.73 3.11
N LYS A 198 2.30 37.62 4.10
CA LYS A 198 1.98 38.75 4.97
C LYS A 198 3.13 38.99 5.94
N SER B 2 -4.21 -10.08 12.11
CA SER B 2 -2.79 -10.20 12.42
C SER B 2 -1.94 -9.35 11.46
N SER B 3 -1.61 -9.93 10.32
CA SER B 3 -0.74 -9.30 9.34
C SER B 3 -1.53 -8.94 8.09
N VAL B 4 -0.86 -8.18 7.23
CA VAL B 4 -1.43 -7.68 5.98
C VAL B 4 -0.52 -8.15 4.85
N PRO B 5 -1.04 -8.93 3.90
CA PRO B 5 -0.23 -9.30 2.74
C PRO B 5 0.18 -8.07 1.95
N SER B 6 1.42 -8.08 1.48
CA SER B 6 1.92 -6.96 0.71
C SER B 6 1.17 -6.82 -0.60
N GLN B 7 0.92 -5.58 -1.00
CA GLN B 7 0.28 -5.28 -2.28
C GLN B 7 1.20 -4.54 -3.24
N LYS B 8 2.49 -4.42 -2.92
CA LYS B 8 3.41 -3.68 -3.77
C LYS B 8 3.61 -4.39 -5.11
N THR B 9 3.37 -3.65 -6.20
CA THR B 9 3.60 -4.17 -7.55
C THR B 9 5.07 -4.53 -7.74
N TYR B 10 5.31 -5.65 -8.42
CA TYR B 10 6.68 -6.15 -8.58
C TYR B 10 6.69 -7.03 -9.82
N GLN B 11 7.29 -6.54 -10.90
CA GLN B 11 7.33 -7.35 -12.12
C GLN B 11 8.28 -8.53 -11.96
N GLY B 12 9.32 -8.39 -11.16
CA GLY B 12 10.27 -9.47 -10.93
C GLY B 12 11.11 -9.79 -12.15
N SER B 13 11.92 -10.85 -12.01
CA SER B 13 12.84 -11.26 -13.06
C SER B 13 12.13 -11.68 -14.33
N TYR B 14 10.85 -12.02 -14.28
CA TYR B 14 10.20 -12.50 -15.48
C TYR B 14 9.29 -11.44 -16.09
N GLY B 15 9.33 -10.22 -15.59
CA GLY B 15 8.49 -9.16 -16.15
C GLY B 15 6.99 -9.45 -16.04
N PHE B 16 6.54 -9.85 -14.85
CA PHE B 16 5.16 -10.29 -14.64
C PHE B 16 4.22 -9.09 -14.50
N ARG B 17 3.11 -9.13 -15.24
CA ARG B 17 2.09 -8.07 -15.23
C ARG B 17 0.74 -8.67 -15.63
N LEU B 18 -0.33 -8.01 -15.22
CA LEU B 18 -1.68 -8.43 -15.58
C LEU B 18 -2.20 -7.60 -16.74
N GLY B 19 -3.17 -8.17 -17.45
CA GLY B 19 -3.84 -7.46 -18.52
C GLY B 19 -5.30 -7.85 -18.56
N PHE B 20 -6.11 -6.91 -19.03
CA PHE B 20 -7.54 -7.15 -19.21
C PHE B 20 -7.94 -6.73 -20.60
N LEU B 21 -8.75 -7.55 -21.25
CA LEU B 21 -9.27 -7.21 -22.57
C LEU B 21 -10.40 -6.18 -22.45
N HIS B 22 -10.51 -5.31 -23.47
CA HIS B 22 -11.53 -4.27 -23.45
C HIS B 22 -12.92 -4.90 -23.45
N SER B 23 -13.81 -4.33 -22.63
CA SER B 23 -15.13 -4.94 -22.46
C SER B 23 -16.29 -3.97 -22.65
N GLY B 24 -16.11 -2.70 -22.26
CA GLY B 24 -17.17 -1.72 -22.39
C GLY B 24 -18.17 -1.77 -21.23
N THR B 25 -19.10 -0.80 -21.27
CA THR B 25 -20.02 -0.54 -20.16
C THR B 25 -21.48 -0.81 -20.50
N ALA B 26 -21.75 -1.69 -21.47
CA ALA B 26 -23.12 -1.97 -21.89
C ALA B 26 -23.92 -2.60 -20.75
N LYS B 27 -25.25 -2.42 -20.80
CA LYS B 27 -26.11 -2.84 -19.70
C LYS B 27 -26.06 -4.35 -19.48
N SER B 28 -25.79 -5.12 -20.53
CA SER B 28 -25.67 -6.56 -20.44
C SER B 28 -24.23 -7.05 -20.31
N VAL B 29 -23.32 -6.22 -19.79
CA VAL B 29 -21.97 -6.71 -19.48
C VAL B 29 -22.02 -7.44 -18.15
N THR B 30 -21.30 -8.55 -18.06
CA THR B 30 -21.17 -9.25 -16.79
C THR B 30 -19.83 -9.01 -16.13
N CYS B 31 -18.88 -8.41 -16.84
CA CYS B 31 -17.52 -8.27 -16.34
C CYS B 31 -16.87 -7.16 -17.16
N THR B 32 -16.38 -6.13 -16.48
CA THR B 32 -15.74 -5.04 -17.21
C THR B 32 -14.65 -4.42 -16.33
N TYR B 33 -13.56 -4.00 -16.98
CA TYR B 33 -12.40 -3.44 -16.29
C TYR B 33 -12.22 -1.97 -16.64
N SER B 34 -12.02 -1.13 -15.61
CA SER B 34 -11.75 0.29 -15.77
C SER B 34 -10.27 0.55 -15.58
N PRO B 35 -9.52 0.86 -16.63
CA PRO B 35 -8.10 1.23 -16.45
C PRO B 35 -7.92 2.48 -15.62
N ALA B 36 -8.84 3.45 -15.73
CA ALA B 36 -8.67 4.70 -15.01
C ALA B 36 -8.71 4.48 -13.51
N LEU B 37 -9.51 3.54 -13.05
CA LEU B 37 -9.58 3.24 -11.63
C LEU B 37 -8.75 2.02 -11.24
N ASN B 38 -8.22 1.28 -12.21
CA ASN B 38 -7.63 -0.04 -11.98
C ASN B 38 -8.58 -0.90 -11.14
N LYS B 39 -9.81 -1.02 -11.64
CA LYS B 39 -10.90 -1.64 -10.88
C LYS B 39 -11.75 -2.50 -11.80
N LEU B 40 -12.02 -3.71 -11.35
CA LEU B 40 -12.83 -4.70 -12.05
C LEU B 40 -14.25 -4.70 -11.49
N PHE B 41 -15.24 -4.65 -12.37
CA PHE B 41 -16.63 -4.70 -11.97
C PHE B 41 -17.24 -5.96 -12.55
N CYS B 42 -17.90 -6.76 -11.72
CA CYS B 42 -18.37 -8.03 -12.24
C CYS B 42 -19.61 -8.51 -11.50
N GLN B 43 -20.35 -9.39 -12.15
CA GLN B 43 -21.50 -9.98 -11.48
C GLN B 43 -21.07 -11.14 -10.62
N LEU B 44 -21.97 -11.51 -9.73
CA LEU B 44 -21.71 -12.62 -8.83
C LEU B 44 -21.61 -13.93 -9.62
N ALA B 45 -20.53 -14.67 -9.38
CA ALA B 45 -20.30 -16.01 -9.92
C ALA B 45 -20.22 -16.05 -11.44
N LYS B 46 -19.98 -14.90 -12.09
CA LYS B 46 -19.77 -14.88 -13.53
C LYS B 46 -18.28 -14.88 -13.82
N THR B 47 -17.94 -15.39 -15.00
CA THR B 47 -16.53 -15.58 -15.36
C THR B 47 -15.82 -14.25 -15.53
N CYS B 48 -14.62 -14.13 -14.96
CA CYS B 48 -13.78 -12.94 -15.08
C CYS B 48 -12.44 -13.34 -15.67
N PRO B 49 -12.21 -13.12 -16.96
CA PRO B 49 -10.94 -13.54 -17.56
C PRO B 49 -9.86 -12.51 -17.31
N VAL B 50 -8.71 -12.97 -16.80
CA VAL B 50 -7.56 -12.14 -16.52
C VAL B 50 -6.39 -12.66 -17.33
N GLN B 51 -5.73 -11.76 -18.05
N GLN B 51 -5.72 -11.76 -18.03
CA GLN B 51 -4.58 -12.12 -18.88
CA GLN B 51 -4.59 -12.13 -18.88
C GLN B 51 -3.30 -11.98 -18.05
C GLN B 51 -3.29 -11.96 -18.08
N LEU B 52 -2.43 -12.98 -18.14
CA LEU B 52 -1.13 -12.95 -17.49
C LEU B 52 -0.04 -12.75 -18.54
N TRP B 53 0.89 -11.87 -18.26
CA TRP B 53 1.97 -11.60 -19.21
C TRP B 53 3.31 -11.77 -18.51
N VAL B 54 4.23 -12.44 -19.19
CA VAL B 54 5.63 -12.54 -18.79
C VAL B 54 6.51 -12.23 -20.00
N ASP B 55 7.66 -11.60 -19.73
CA ASP B 55 8.66 -11.37 -20.77
C ASP B 55 9.45 -12.64 -21.09
N SER B 56 9.75 -13.44 -20.08
CA SER B 56 10.51 -14.68 -20.27
C SER B 56 9.79 -15.78 -19.52
N THR B 57 10.00 -17.01 -19.97
CA THR B 57 9.24 -18.12 -19.43
C THR B 57 9.72 -18.44 -18.01
N PRO B 58 8.81 -18.60 -17.06
CA PRO B 58 9.22 -18.96 -15.70
C PRO B 58 9.42 -20.46 -15.60
N PRO B 59 10.17 -20.94 -14.60
CA PRO B 59 10.56 -22.36 -14.57
C PRO B 59 9.36 -23.26 -14.36
N PRO B 60 9.45 -24.52 -14.77
CA PRO B 60 8.39 -25.48 -14.47
C PRO B 60 8.13 -25.55 -12.98
N GLY B 61 6.87 -25.67 -12.61
CA GLY B 61 6.44 -25.62 -11.22
C GLY B 61 6.11 -24.24 -10.68
N THR B 62 6.31 -23.19 -11.47
CA THR B 62 5.88 -21.86 -11.08
C THR B 62 4.37 -21.84 -10.95
N ARG B 63 3.85 -21.10 -9.96
CA ARG B 63 2.41 -21.08 -9.71
C ARG B 63 1.88 -19.65 -9.65
N VAL B 64 0.55 -19.51 -9.78
CA VAL B 64 -0.14 -18.23 -9.73
C VAL B 64 -1.23 -18.27 -8.65
N ARG B 65 -1.13 -17.36 -7.68
CA ARG B 65 -2.04 -17.33 -6.54
C ARG B 65 -2.80 -16.00 -6.49
N ALA B 66 -4.08 -16.08 -6.14
CA ALA B 66 -4.98 -14.94 -6.03
C ALA B 66 -5.52 -14.83 -4.61
N MET B 67 -5.51 -13.62 -4.05
CA MET B 67 -5.94 -13.39 -2.68
C MET B 67 -6.63 -12.04 -2.59
N ALA B 68 -7.74 -11.97 -1.87
CA ALA B 68 -8.42 -10.70 -1.66
C ALA B 68 -8.09 -10.13 -0.29
N ILE B 69 -7.89 -8.81 -0.24
CA ILE B 69 -7.76 -8.07 1.01
C ILE B 69 -8.61 -6.82 0.92
N TYR B 70 -9.00 -6.27 2.07
CA TYR B 70 -9.72 -5.00 2.08
C TYR B 70 -8.78 -3.85 1.74
N LYS B 71 -9.28 -2.88 0.99
CA LYS B 71 -8.45 -1.76 0.55
C LYS B 71 -8.19 -0.76 1.66
N GLN B 72 -9.22 -0.40 2.43
CA GLN B 72 -9.09 0.65 3.43
C GLN B 72 -8.27 0.20 4.63
N SER B 73 -7.39 1.10 5.10
CA SER B 73 -6.41 0.73 6.11
C SER B 73 -7.06 0.28 7.41
N GLN B 74 -8.20 0.86 7.78
CA GLN B 74 -8.88 0.44 9.01
C GLN B 74 -9.38 -0.99 8.94
N HIS B 75 -9.47 -1.59 7.75
CA HIS B 75 -9.97 -2.95 7.61
C HIS B 75 -8.98 -3.95 7.03
N MET B 76 -7.73 -3.55 6.76
CA MET B 76 -6.80 -4.41 6.04
C MET B 76 -6.45 -5.69 6.80
N THR B 77 -6.60 -5.68 8.13
CA THR B 77 -6.30 -6.87 8.93
C THR B 77 -7.43 -7.88 8.98
N GLU B 78 -8.61 -7.56 8.42
CA GLU B 78 -9.74 -8.47 8.46
C GLU B 78 -9.73 -9.39 7.25
N VAL B 79 -9.89 -10.69 7.50
CA VAL B 79 -9.90 -11.68 6.43
C VAL B 79 -11.11 -11.46 5.52
N VAL B 80 -10.87 -11.42 4.21
CA VAL B 80 -11.96 -11.34 3.25
C VAL B 80 -12.54 -12.73 3.08
N ARG B 81 -13.83 -12.88 3.37
CA ARG B 81 -14.48 -14.18 3.22
C ARG B 81 -15.91 -13.96 2.74
N ARG B 82 -16.56 -15.05 2.33
CA ARG B 82 -17.96 -14.97 1.95
C ARG B 82 -18.85 -14.77 3.16
N CYS B 83 -20.02 -14.17 2.93
CA CYS B 83 -20.93 -13.82 4.00
C CYS B 83 -21.61 -15.08 4.55
N PRO B 84 -22.25 -14.98 5.73
CA PRO B 84 -22.91 -16.16 6.30
C PRO B 84 -23.97 -16.80 5.41
N HIS B 85 -24.66 -16.01 4.58
N HIS B 85 -24.64 -16.02 4.56
CA HIS B 85 -25.70 -16.57 3.72
CA HIS B 85 -25.69 -16.61 3.74
C HIS B 85 -25.11 -17.27 2.50
C HIS B 85 -25.13 -17.27 2.48
N HIS B 86 -24.15 -16.62 1.82
CA HIS B 86 -23.61 -17.22 0.59
C HIS B 86 -22.77 -18.46 0.88
N GLU B 87 -22.12 -18.53 2.04
CA GLU B 87 -21.39 -19.76 2.35
C GLU B 87 -22.31 -20.98 2.50
N ARG B 88 -23.62 -20.78 2.73
CA ARG B 88 -24.55 -21.90 2.81
C ARG B 88 -25.23 -22.21 1.49
N CYS B 89 -24.98 -21.42 0.45
CA CYS B 89 -25.50 -21.74 -0.87
C CYS B 89 -24.95 -23.08 -1.35
N SER B 90 -25.82 -23.89 -1.94
CA SER B 90 -25.39 -25.18 -2.50
C SER B 90 -24.87 -24.89 -3.89
N ASP B 91 -23.59 -24.49 -3.94
CA ASP B 91 -23.01 -24.03 -5.20
C ASP B 91 -21.56 -24.47 -5.37
N SER B 92 -21.14 -25.54 -4.72
CA SER B 92 -19.75 -25.99 -4.86
C SER B 92 -19.48 -26.48 -6.29
N ASP B 93 -18.23 -26.34 -6.72
CA ASP B 93 -17.75 -26.94 -7.95
C ASP B 93 -16.98 -28.24 -7.69
N GLY B 94 -17.07 -28.77 -6.47
CA GLY B 94 -16.32 -29.92 -6.07
C GLY B 94 -14.91 -29.62 -5.60
N LEU B 95 -14.42 -28.42 -5.84
CA LEU B 95 -13.04 -28.08 -5.52
C LEU B 95 -12.91 -26.93 -4.54
N ALA B 96 -13.71 -25.87 -4.70
CA ALA B 96 -13.58 -24.69 -3.86
C ALA B 96 -14.35 -24.88 -2.55
N PRO B 97 -13.72 -24.62 -1.40
CA PRO B 97 -14.46 -24.64 -0.14
C PRO B 97 -15.49 -23.53 -0.10
N PRO B 98 -16.61 -23.72 0.61
CA PRO B 98 -17.73 -22.77 0.50
C PRO B 98 -17.47 -21.39 1.08
N GLN B 99 -16.43 -21.18 1.90
CA GLN B 99 -16.17 -19.88 2.48
C GLN B 99 -15.32 -18.96 1.60
N HIS B 100 -14.76 -19.49 0.52
CA HIS B 100 -13.78 -18.75 -0.27
C HIS B 100 -14.47 -17.79 -1.22
N LEU B 101 -14.09 -16.51 -1.14
CA LEU B 101 -14.64 -15.50 -2.04
C LEU B 101 -14.22 -15.76 -3.50
N ILE B 102 -12.94 -16.02 -3.73
CA ILE B 102 -12.39 -16.10 -5.09
C ILE B 102 -12.29 -17.54 -5.54
N ARG B 103 -12.85 -17.85 -6.70
CA ARG B 103 -12.70 -19.17 -7.27
C ARG B 103 -11.95 -19.07 -8.58
N VAL B 104 -11.26 -20.14 -8.94
CA VAL B 104 -10.76 -20.33 -10.30
C VAL B 104 -11.71 -21.27 -11.02
N GLU B 105 -12.13 -20.87 -12.21
CA GLU B 105 -13.02 -21.68 -13.02
C GLU B 105 -12.24 -22.44 -14.08
N GLY B 106 -12.65 -23.67 -14.35
CA GLY B 106 -12.12 -24.41 -15.48
C GLY B 106 -10.68 -24.85 -15.37
N ASN B 107 -10.19 -25.09 -14.16
CA ASN B 107 -8.84 -25.64 -13.98
C ASN B 107 -8.89 -26.62 -12.82
N LEU B 108 -8.72 -27.90 -13.14
CA LEU B 108 -8.79 -28.93 -12.12
C LEU B 108 -7.50 -29.08 -11.32
N ARG B 109 -6.45 -28.37 -11.71
CA ARG B 109 -5.26 -28.35 -10.87
C ARG B 109 -5.27 -27.17 -9.89
N ALA B 110 -6.41 -26.48 -9.77
CA ALA B 110 -6.57 -25.42 -8.78
C ALA B 110 -6.57 -25.99 -7.37
N GLU B 111 -5.82 -25.33 -6.48
CA GLU B 111 -5.79 -25.68 -5.06
C GLU B 111 -6.21 -24.45 -4.27
N TYR B 112 -6.96 -24.70 -3.20
CA TYR B 112 -7.47 -23.64 -2.34
C TYR B 112 -6.84 -23.77 -0.97
N LEU B 113 -6.33 -22.65 -0.44
CA LEU B 113 -5.55 -22.68 0.78
C LEU B 113 -6.22 -21.83 1.86
N ASP B 114 -6.36 -22.40 3.06
CA ASP B 114 -6.68 -21.68 4.29
C ASP B 114 -5.38 -21.61 5.10
N ASP B 115 -4.81 -20.43 5.23
CA ASP B 115 -3.50 -20.30 5.86
C ASP B 115 -3.59 -20.54 7.37
N ARG B 116 -2.76 -21.47 7.85
CA ARG B 116 -2.82 -21.90 9.25
C ARG B 116 -2.52 -20.77 10.23
N ASN B 117 -1.66 -19.82 9.84
CA ASN B 117 -1.28 -18.72 10.70
C ASN B 117 -2.06 -17.44 10.46
N THR B 118 -2.43 -17.12 9.21
CA THR B 118 -3.11 -15.85 8.98
C THR B 118 -4.61 -16.00 8.80
N PHE B 119 -5.10 -17.22 8.53
CA PHE B 119 -6.49 -17.51 8.21
C PHE B 119 -6.93 -16.87 6.90
N ARG B 120 -5.99 -16.43 6.07
CA ARG B 120 -6.39 -15.85 4.80
C ARG B 120 -6.66 -16.94 3.78
N HIS B 121 -7.62 -16.69 2.89
CA HIS B 121 -7.93 -17.61 1.83
C HIS B 121 -7.16 -17.23 0.57
N SER B 122 -6.87 -18.22 -0.27
CA SER B 122 -6.29 -17.94 -1.57
C SER B 122 -6.51 -19.14 -2.45
N VAL B 123 -6.35 -18.95 -3.75
CA VAL B 123 -6.55 -20.01 -4.73
C VAL B 123 -5.37 -19.97 -5.69
N VAL B 124 -4.75 -21.12 -5.91
CA VAL B 124 -3.49 -21.19 -6.66
C VAL B 124 -3.60 -22.25 -7.76
N VAL B 125 -3.03 -21.93 -8.92
CA VAL B 125 -2.99 -22.82 -10.09
C VAL B 125 -1.56 -22.84 -10.64
N PRO B 126 -1.21 -23.90 -11.37
CA PRO B 126 0.08 -23.91 -12.05
C PRO B 126 0.15 -22.85 -13.14
N CYS B 127 1.30 -22.19 -13.24
CA CYS B 127 1.52 -21.26 -14.33
C CYS B 127 1.76 -22.06 -15.60
N GLU B 128 0.94 -21.84 -16.59
CA GLU B 128 0.96 -22.54 -17.86
C GLU B 128 1.34 -21.55 -18.98
N PRO B 129 1.99 -22.02 -20.05
CA PRO B 129 2.32 -21.13 -21.17
C PRO B 129 1.08 -20.80 -21.99
N PRO B 130 1.12 -19.77 -22.83
CA PRO B 130 -0.02 -19.50 -23.70
C PRO B 130 -0.36 -20.73 -24.54
N GLU B 131 -1.65 -21.02 -24.66
CA GLU B 131 -2.11 -22.13 -25.48
C GLU B 131 -1.84 -21.82 -26.96
N VAL B 132 -1.81 -22.88 -27.77
CA VAL B 132 -1.39 -22.75 -29.16
C VAL B 132 -2.32 -21.82 -29.92
N GLY B 133 -1.74 -20.96 -30.75
CA GLY B 133 -2.49 -19.94 -31.45
C GLY B 133 -2.78 -18.69 -30.64
N SER B 134 -2.20 -18.56 -29.46
CA SER B 134 -2.48 -17.43 -28.56
C SER B 134 -1.16 -16.90 -28.01
N ASP B 135 -1.20 -15.66 -27.50
CA ASP B 135 0.00 -15.01 -27.00
C ASP B 135 -0.20 -14.46 -25.59
N CYS B 136 -1.08 -15.10 -24.80
CA CYS B 136 -1.35 -14.65 -23.44
C CYS B 136 -1.93 -15.83 -22.68
N THR B 137 -1.43 -16.06 -21.49
CA THR B 137 -2.07 -17.00 -20.58
C THR B 137 -3.25 -16.32 -19.90
N THR B 138 -4.36 -17.04 -19.76
CA THR B 138 -5.58 -16.50 -19.20
C THR B 138 -6.06 -17.37 -18.05
N ILE B 139 -6.43 -16.74 -16.94
CA ILE B 139 -7.08 -17.42 -15.82
C ILE B 139 -8.48 -16.85 -15.69
N HIS B 140 -9.45 -17.71 -15.47
CA HIS B 140 -10.83 -17.29 -15.29
C HIS B 140 -11.16 -17.35 -13.81
N TYR B 141 -11.50 -16.21 -13.22
CA TYR B 141 -11.87 -16.13 -11.81
C TYR B 141 -13.37 -15.92 -11.65
N ASN B 142 -13.93 -16.41 -10.54
CA ASN B 142 -15.28 -16.09 -10.10
C ASN B 142 -15.24 -15.40 -8.74
N TYR B 143 -16.14 -14.45 -8.52
CA TYR B 143 -16.30 -13.85 -7.21
C TYR B 143 -17.67 -14.20 -6.67
N MET B 144 -17.71 -14.73 -5.45
CA MET B 144 -18.88 -15.48 -4.98
C MET B 144 -19.67 -14.79 -3.90
N CYS B 145 -19.43 -13.50 -3.67
CA CYS B 145 -20.20 -12.67 -2.76
C CYS B 145 -20.30 -11.29 -3.37
N TYR B 146 -21.43 -10.62 -3.11
CA TYR B 146 -21.58 -9.24 -3.52
C TYR B 146 -20.76 -8.33 -2.61
N SER B 147 -20.28 -7.22 -3.16
CA SER B 147 -19.59 -6.23 -2.33
C SER B 147 -20.49 -5.66 -1.26
N SER B 148 -21.80 -5.67 -1.47
CA SER B 148 -22.77 -5.12 -0.52
C SER B 148 -23.18 -6.10 0.58
N CYS B 149 -22.75 -7.36 0.52
CA CYS B 149 -23.21 -8.38 1.46
C CYS B 149 -22.87 -8.05 2.91
N MET B 150 -23.91 -7.83 3.73
CA MET B 150 -23.69 -7.69 5.16
C MET B 150 -23.21 -9.02 5.73
N GLY B 151 -22.36 -8.93 6.75
CA GLY B 151 -21.71 -10.11 7.25
C GLY B 151 -20.50 -10.53 6.44
N GLY B 152 -20.24 -9.88 5.31
CA GLY B 152 -19.02 -10.08 4.57
C GLY B 152 -18.35 -8.76 4.26
N MET B 153 -18.18 -8.48 2.96
CA MET B 153 -17.48 -7.26 2.55
C MET B 153 -18.21 -6.00 2.99
N ASN B 154 -19.54 -6.06 3.08
CA ASN B 154 -20.37 -5.03 3.73
C ASN B 154 -20.07 -3.63 3.17
N ARG B 155 -20.06 -3.54 1.84
CA ARG B 155 -19.77 -2.35 1.06
C ARG B 155 -18.31 -1.90 1.15
N ARG B 156 -17.40 -2.73 1.74
CA ARG B 156 -16.02 -2.22 1.77
C ARG B 156 -15.26 -2.65 0.51
N PRO B 157 -14.54 -1.74 -0.17
CA PRO B 157 -13.79 -2.15 -1.38
C PRO B 157 -12.71 -3.17 -1.04
N ILE B 158 -12.49 -4.10 -1.96
CA ILE B 158 -11.42 -5.09 -1.83
C ILE B 158 -10.44 -4.95 -2.98
N LEU B 159 -9.21 -5.37 -2.72
N LEU B 159 -9.23 -5.42 -2.73
CA LEU B 159 -8.19 -5.56 -3.73
CA LEU B 159 -8.18 -5.55 -3.73
C LEU B 159 -7.96 -7.06 -3.93
C LEU B 159 -7.90 -7.03 -3.93
N THR B 160 -7.79 -7.45 -5.18
CA THR B 160 -7.33 -8.80 -5.52
C THR B 160 -5.84 -8.71 -5.81
N ILE B 161 -5.04 -9.50 -5.11
CA ILE B 161 -3.59 -9.57 -5.31
C ILE B 161 -3.28 -10.88 -6.01
N ILE B 162 -2.61 -10.78 -7.17
CA ILE B 162 -2.16 -11.92 -7.94
C ILE B 162 -0.65 -12.02 -7.80
N THR B 163 -0.17 -13.14 -7.26
CA THR B 163 1.26 -13.33 -7.09
C THR B 163 1.74 -14.49 -7.94
N LEU B 164 2.90 -14.29 -8.56
CA LEU B 164 3.65 -15.36 -9.21
C LEU B 164 4.66 -15.91 -8.21
N GLU B 165 4.67 -17.24 -8.03
CA GLU B 165 5.49 -17.87 -7.01
C GLU B 165 6.22 -19.08 -7.57
N ASP B 166 7.38 -19.37 -6.97
CA ASP B 166 8.08 -20.58 -7.31
C ASP B 166 7.42 -21.78 -6.61
N SER B 167 8.03 -22.94 -6.78
CA SER B 167 7.41 -24.18 -6.30
C SER B 167 7.33 -24.22 -4.78
N SER B 168 8.22 -23.50 -4.09
CA SER B 168 8.23 -23.34 -2.65
C SER B 168 7.22 -22.31 -2.15
N GLY B 169 6.71 -21.46 -3.04
CA GLY B 169 5.89 -20.35 -2.62
C GLY B 169 6.62 -19.03 -2.43
N ASN B 170 7.90 -18.95 -2.79
CA ASN B 170 8.60 -17.68 -2.75
C ASN B 170 8.06 -16.74 -3.84
N LEU B 171 8.19 -15.44 -3.61
CA LEU B 171 7.64 -14.44 -4.52
C LEU B 171 8.51 -14.27 -5.75
N LEU B 172 7.89 -14.38 -6.94
CA LEU B 172 8.53 -14.01 -8.20
C LEU B 172 7.95 -12.76 -8.83
N GLY B 173 6.71 -12.41 -8.52
CA GLY B 173 6.07 -11.27 -9.13
C GLY B 173 4.73 -10.99 -8.48
N ARG B 174 4.29 -9.73 -8.59
CA ARG B 174 3.04 -9.32 -7.96
C ARG B 174 2.40 -8.17 -8.73
N ASP B 175 1.06 -8.22 -8.83
CA ASP B 175 0.24 -7.16 -9.40
C ASP B 175 -1.12 -7.23 -8.70
N SER B 176 -1.95 -6.22 -8.91
CA SER B 176 -3.20 -6.18 -8.15
C SER B 176 -4.20 -5.27 -8.85
N PHE B 177 -5.46 -5.49 -8.52
CA PHE B 177 -6.53 -4.64 -9.00
C PHE B 177 -7.65 -4.64 -7.97
N GLU B 178 -8.40 -3.55 -7.93
CA GLU B 178 -9.55 -3.43 -7.07
C GLU B 178 -10.74 -4.12 -7.74
N VAL B 179 -11.68 -4.60 -6.94
CA VAL B 179 -12.83 -5.33 -7.46
C VAL B 179 -14.10 -4.80 -6.81
N ARG B 180 -15.12 -4.61 -7.63
CA ARG B 180 -16.47 -4.45 -7.11
C ARG B 180 -17.37 -5.50 -7.75
N VAL B 181 -18.00 -6.31 -6.89
CA VAL B 181 -18.95 -7.35 -7.30
C VAL B 181 -20.35 -6.76 -7.11
N CYS B 182 -21.12 -6.69 -8.19
CA CYS B 182 -22.38 -5.95 -8.17
C CYS B 182 -23.30 -6.50 -9.25
N ALA B 183 -24.55 -6.00 -9.24
CA ALA B 183 -25.58 -6.49 -10.15
C ALA B 183 -25.50 -5.84 -11.52
N CYS B 184 -25.11 -4.57 -11.58
CA CYS B 184 -25.06 -3.81 -12.83
C CYS B 184 -23.65 -3.22 -12.97
N PRO B 185 -22.66 -4.06 -13.38
CA PRO B 185 -21.28 -3.56 -13.48
C PRO B 185 -21.07 -2.43 -14.47
N GLY B 186 -21.74 -2.46 -15.62
CA GLY B 186 -21.58 -1.36 -16.56
C GLY B 186 -22.00 -0.03 -15.98
N ARG B 187 -23.12 -0.01 -15.27
CA ARG B 187 -23.61 1.23 -14.68
C ARG B 187 -22.68 1.71 -13.58
N ASP B 188 -22.23 0.80 -12.70
CA ASP B 188 -21.39 1.21 -11.58
C ASP B 188 -20.02 1.66 -12.05
N ARG B 189 -19.54 1.11 -13.18
CA ARG B 189 -18.28 1.60 -13.73
C ARG B 189 -18.45 3.02 -14.25
N ARG B 190 -19.54 3.28 -15.01
CA ARG B 190 -19.79 4.62 -15.52
C ARG B 190 -19.92 5.63 -14.39
N THR B 191 -20.60 5.24 -13.32
CA THR B 191 -20.76 6.11 -12.16
C THR B 191 -19.43 6.44 -11.50
N GLU B 192 -18.62 5.42 -11.19
CA GLU B 192 -17.37 5.68 -10.47
C GLU B 192 -16.36 6.41 -11.36
N GLU B 193 -16.40 6.19 -12.67
CA GLU B 193 -15.49 6.91 -13.55
C GLU B 193 -15.86 8.38 -13.66
N GLU B 194 -17.17 8.68 -13.67
CA GLU B 194 -17.61 10.08 -13.63
C GLU B 194 -17.18 10.77 -12.35
N ASN B 195 -17.27 10.06 -11.23
CA ASN B 195 -16.86 10.60 -9.94
C ASN B 195 -15.38 10.94 -9.94
N LEU B 196 -14.57 10.11 -10.61
CA LEU B 196 -13.14 10.35 -10.64
C LEU B 196 -12.81 11.65 -11.38
N ARG B 197 -13.52 11.92 -12.48
CA ARG B 197 -13.35 13.19 -13.19
C ARG B 197 -13.72 14.39 -12.31
N LYS B 198 -14.70 14.22 -11.43
CA LYS B 198 -15.12 15.29 -10.52
C LYS B 198 -14.26 15.35 -9.26
#